data_1D9F
#
_entry.id   1D9F
#
_cell.length_a   102.65
_cell.length_b   102.65
_cell.length_c   86.30
_cell.angle_alpha   90.00
_cell.angle_beta   90.00
_cell.angle_gamma   90.00
#
_symmetry.space_group_name_H-M   'P 43'
#
loop_
_entity.id
_entity.type
_entity.pdbx_description
1 polymer "DNA/RNA (5'-D(*TP*TP)-R(*(U31)P)-D(*T)-3')"
2 polymer 'DNA POLYMERASE I'
3 non-polymer 'ZINC ION'
4 non-polymer 'SULFATE ION'
5 water water
#
loop_
_entity_poly.entity_id
_entity_poly.type
_entity_poly.pdbx_seq_one_letter_code
_entity_poly.pdbx_strand_id
1 'polydeoxyribonucleotide/polyribonucleotide hybrid' (DT)(DT)(U31)(DT) B
2 'polypeptide(L)'
;MISYDNYVTILDEETLKAWIAKLEKAPVFAFDTETDSLDNISANLVGLSFAIEPGVAAYIPVAHDYLDAPDQISRERALE
LLKPLLEDEKALKVGQNLKYDRGILANYGIELRGIAFDTMLESYILNSVAGRHDMDSLAERWLKHKTITFEEIAGKGKNQ
LTFNQIALEEAGRYAAEDADVTLQLHLKMWPDLQKHKGPLNVFENIEMPLVPVLSRIERNGVKIDPKVLHNHSEELTLRL
AELEKKAHEIAGEEFNLSSTKQLQTILFEKQGIKPLKKTPGGAPSTSEEVLEELALDYPLPKVILEYRGLAKLKSTYTDK
LPLMINPKTGRVHTSYHQAVTATGRLSSTDPNLQNIPVRNEEGRRIRQAFIAPEDYVIVSADYSQIELRIMAHLSRDKGL
LTAFAEGKDIHRATAAEVFGLPLETVTSEQRRSAKAINFGLIYGMSAFGLARQLNIPRKEAQKYMDLYFERYPGVLEYME
RTRAQAKEQGYVETLDGRRLYLPDIKSSNGARRAAAERAAINAPMQGTAADIIKRAMIAVDAWLQAEQPRVRMIMQVHDE
LVFEVHKDDVDAVAKQIHQLMENCTRLDVPLLVEVGSGENWDQAH
;
A
#
# COMPACT_ATOMS: atom_id res chain seq x y z
N MET B 1 -17.94 21.86 24.00
CA MET B 1 -16.67 21.43 24.66
C MET B 1 -16.93 20.13 25.42
N ILE B 2 -15.94 19.25 25.44
CA ILE B 2 -16.09 18.02 26.22
C ILE B 2 -15.50 18.40 27.56
N SER B 3 -16.19 18.02 28.63
CA SER B 3 -15.71 18.33 29.97
C SER B 3 -15.50 17.04 30.71
N TYR B 4 -15.37 17.15 32.03
CA TYR B 4 -15.17 15.97 32.87
C TYR B 4 -16.49 15.33 33.26
N ASP B 5 -17.60 15.93 32.82
CA ASP B 5 -18.92 15.40 33.15
C ASP B 5 -19.44 14.40 32.12
N ASN B 6 -18.94 14.50 30.90
CA ASN B 6 -19.39 13.61 29.84
C ASN B 6 -19.10 12.14 30.07
N TYR B 7 -17.85 11.82 30.35
CA TYR B 7 -17.46 10.42 30.46
C TYR B 7 -16.88 10.05 31.79
N VAL B 8 -17.14 8.82 32.22
CA VAL B 8 -16.66 8.37 33.50
C VAL B 8 -15.22 7.88 33.37
N THR B 9 -14.44 8.04 34.44
CA THR B 9 -13.07 7.56 34.46
C THR B 9 -13.06 6.43 35.46
N ILE B 10 -12.90 5.20 34.98
CA ILE B 10 -12.92 4.03 35.85
C ILE B 10 -11.60 3.78 36.59
N LEU B 11 -11.66 3.87 37.93
CA LEU B 11 -10.50 3.69 38.78
C LEU B 11 -10.62 2.54 39.78
N ASP B 12 -11.64 1.68 39.68
CA ASP B 12 -11.79 0.52 40.57
C ASP B 12 -12.38 -0.69 39.85
N GLU B 13 -11.88 -1.87 40.25
CA GLU B 13 -12.29 -3.19 39.74
C GLU B 13 -13.79 -3.44 39.71
N GLU B 14 -14.45 -3.09 40.81
CA GLU B 14 -15.89 -3.28 40.92
C GLU B 14 -16.57 -2.57 39.75
N THR B 15 -16.17 -1.34 39.47
CA THR B 15 -16.78 -0.60 38.37
C THR B 15 -16.40 -1.21 37.02
N LEU B 16 -15.13 -1.63 36.87
CA LEU B 16 -14.69 -2.24 35.63
C LEU B 16 -15.55 -3.47 35.37
N LYS B 17 -15.72 -4.27 36.42
CA LYS B 17 -16.52 -5.48 36.30
C LYS B 17 -17.98 -5.18 35.95
N ALA B 18 -18.51 -4.07 36.43
CA ALA B 18 -19.89 -3.73 36.14
C ALA B 18 -19.98 -3.40 34.65
N TRP B 19 -18.94 -2.79 34.10
CA TRP B 19 -18.92 -2.47 32.69
C TRP B 19 -18.69 -3.71 31.83
N ILE B 20 -17.83 -4.61 32.30
CA ILE B 20 -17.59 -5.81 31.54
C ILE B 20 -18.89 -6.58 31.36
N ALA B 21 -19.74 -6.54 32.38
CA ALA B 21 -21.02 -7.22 32.35
C ALA B 21 -21.96 -6.59 31.33
N LYS B 22 -22.02 -5.26 31.30
CA LYS B 22 -22.89 -4.60 30.33
C LYS B 22 -22.35 -4.84 28.92
N LEU B 23 -21.02 -4.79 28.76
CA LEU B 23 -20.37 -5.00 27.47
C LEU B 23 -20.67 -6.39 26.95
N GLU B 24 -20.74 -7.37 27.87
CA GLU B 24 -21.01 -8.74 27.50
C GLU B 24 -22.40 -8.97 26.94
N LYS B 25 -23.33 -8.05 27.22
CA LYS B 25 -24.67 -8.24 26.68
C LYS B 25 -25.04 -7.24 25.60
N ALA B 26 -24.10 -6.37 25.25
CA ALA B 26 -24.33 -5.38 24.19
C ALA B 26 -24.26 -5.99 22.81
N PRO B 27 -24.97 -5.38 21.82
CA PRO B 27 -24.96 -5.90 20.45
C PRO B 27 -23.57 -5.69 19.78
N VAL B 28 -22.99 -4.51 19.99
CA VAL B 28 -21.64 -4.17 19.50
C VAL B 28 -21.14 -3.12 20.48
N PHE B 29 -19.83 -2.97 20.58
CA PHE B 29 -19.31 -1.93 21.45
C PHE B 29 -18.03 -1.37 20.84
N ALA B 30 -17.79 -0.07 21.05
CA ALA B 30 -16.59 0.57 20.56
C ALA B 30 -15.45 0.30 21.54
N PHE B 31 -14.26 0.12 20.99
CA PHE B 31 -13.07 -0.20 21.76
C PHE B 31 -11.90 0.65 21.28
N ASP B 32 -11.05 1.06 22.21
CA ASP B 32 -9.90 1.88 21.84
C ASP B 32 -8.77 1.75 22.87
N THR B 33 -7.53 1.79 22.41
CA THR B 33 -6.41 1.71 23.34
C THR B 33 -5.59 3.00 23.26
N GLU B 34 -5.01 3.40 24.37
CA GLU B 34 -4.15 4.59 24.40
C GLU B 34 -2.75 4.09 24.82
N THR B 35 -1.70 4.62 24.19
CA THR B 35 -0.35 4.17 24.50
C THR B 35 0.69 5.29 24.64
N ASP B 36 1.94 4.95 24.95
CA ASP B 36 2.97 5.98 25.08
C ASP B 36 3.80 6.15 23.83
N SER B 37 3.32 5.60 22.71
CA SER B 37 4.06 5.73 21.45
C SER B 37 3.31 5.26 20.21
N LEU B 38 3.69 5.82 19.06
CA LEU B 38 3.09 5.43 17.78
C LEU B 38 3.72 4.14 17.27
N ASP B 39 4.92 3.85 17.77
CA ASP B 39 5.59 2.63 17.38
C ASP B 39 4.89 1.48 18.07
N ASN B 40 4.15 0.72 17.28
CA ASN B 40 3.38 -0.40 17.77
C ASN B 40 4.12 -1.47 18.55
N ILE B 41 5.23 -1.98 18.01
CA ILE B 41 5.97 -3.05 18.68
C ILE B 41 6.58 -2.68 20.05
N SER B 42 6.89 -1.41 20.23
CA SER B 42 7.47 -0.96 21.48
C SER B 42 6.60 -0.03 22.33
N ALA B 43 5.38 0.23 21.88
CA ALA B 43 4.52 1.10 22.65
C ALA B 43 4.04 0.35 23.88
N ASN B 44 3.73 1.08 24.94
CA ASN B 44 3.20 0.49 26.16
C ASN B 44 1.76 0.95 26.33
N LEU B 45 0.86 0.02 26.67
CA LEU B 45 -0.53 0.37 26.88
C LEU B 45 -0.61 1.27 28.10
N VAL B 46 -1.29 2.40 27.96
CA VAL B 46 -1.43 3.33 29.05
C VAL B 46 -2.86 3.30 29.56
N GLY B 47 -3.80 3.04 28.66
CA GLY B 47 -5.20 2.98 29.04
C GLY B 47 -6.08 2.46 27.94
N LEU B 48 -7.33 2.15 28.29
CA LEU B 48 -8.29 1.65 27.32
C LEU B 48 -9.62 2.39 27.48
N SER B 49 -10.40 2.49 26.41
CA SER B 49 -11.70 3.15 26.45
C SER B 49 -12.76 2.32 25.74
N PHE B 50 -13.98 2.39 26.24
CA PHE B 50 -15.10 1.65 25.64
C PHE B 50 -16.30 2.58 25.51
N ALA B 51 -17.23 2.20 24.65
CA ALA B 51 -18.47 2.94 24.46
C ALA B 51 -19.56 1.92 24.17
N ILE B 52 -20.55 1.81 25.06
CA ILE B 52 -21.62 0.83 24.84
C ILE B 52 -22.83 1.42 24.17
N GLU B 53 -22.88 2.75 24.09
CA GLU B 53 -24.05 3.40 23.55
C GLU B 53 -23.68 4.85 23.32
N PRO B 54 -24.32 5.50 22.34
CA PRO B 54 -23.95 6.90 22.12
C PRO B 54 -24.07 7.74 23.39
N GLY B 55 -22.95 8.30 23.84
CA GLY B 55 -23.00 9.12 25.02
C GLY B 55 -22.67 8.38 26.29
N VAL B 56 -22.53 7.07 26.20
CA VAL B 56 -22.19 6.26 27.35
C VAL B 56 -20.84 5.60 27.09
N ALA B 57 -19.76 6.23 27.56
CA ALA B 57 -18.41 5.68 27.37
C ALA B 57 -17.54 5.85 28.61
N ALA B 58 -16.48 5.04 28.72
CA ALA B 58 -15.59 5.11 29.88
C ALA B 58 -14.13 4.99 29.49
N TYR B 59 -13.27 5.54 30.35
CA TYR B 59 -11.82 5.46 30.15
C TYR B 59 -11.22 4.74 31.36
N ILE B 60 -10.38 3.75 31.10
CA ILE B 60 -9.76 2.97 32.17
C ILE B 60 -8.26 3.23 32.12
N PRO B 61 -7.74 4.13 33.00
CA PRO B 61 -6.30 4.41 33.01
C PRO B 61 -5.56 3.30 33.74
N VAL B 62 -4.49 2.80 33.17
CA VAL B 62 -3.77 1.75 33.86
C VAL B 62 -2.31 2.07 34.06
N ALA B 63 -1.75 2.97 33.26
CA ALA B 63 -0.33 3.28 33.42
C ALA B 63 0.10 4.73 33.34
N HIS B 64 -0.72 5.64 33.86
CA HIS B 64 -0.34 7.04 33.88
C HIS B 64 0.61 7.11 35.07
N ASP B 65 1.77 7.73 34.89
CA ASP B 65 2.72 7.80 35.98
C ASP B 65 3.32 9.17 36.22
N TYR B 66 2.57 10.23 35.92
CA TYR B 66 3.10 11.56 36.19
C TYR B 66 3.20 11.70 37.72
N LEU B 67 3.88 12.74 38.16
CA LEU B 67 4.08 13.00 39.58
C LEU B 67 2.72 13.07 40.29
N ASP B 68 2.54 12.20 41.27
CA ASP B 68 1.33 12.09 42.07
C ASP B 68 0.06 11.61 41.38
N ALA B 69 0.19 10.82 40.32
CA ALA B 69 -1.00 10.31 39.62
C ALA B 69 -1.77 9.44 40.61
N PRO B 70 -3.10 9.57 40.63
CA PRO B 70 -3.98 8.79 41.54
C PRO B 70 -3.87 7.28 41.28
N ASP B 71 -4.29 6.47 42.24
CA ASP B 71 -4.21 5.02 42.05
C ASP B 71 -5.09 4.59 40.90
N GLN B 72 -4.62 3.57 40.19
CA GLN B 72 -5.31 3.06 39.03
C GLN B 72 -5.31 1.52 39.07
N ILE B 73 -6.28 0.91 38.37
CA ILE B 73 -6.31 -0.55 38.28
C ILE B 73 -5.01 -0.84 37.55
N SER B 74 -4.26 -1.87 37.95
CA SER B 74 -2.98 -2.14 37.27
C SER B 74 -3.16 -2.66 35.86
N ARG B 75 -2.17 -2.40 35.01
CA ARG B 75 -2.25 -2.85 33.62
C ARG B 75 -2.53 -4.32 33.56
N GLU B 76 -1.93 -5.11 34.43
CA GLU B 76 -2.09 -6.56 34.46
C GLU B 76 -3.45 -7.05 34.93
N ARG B 77 -4.01 -6.36 35.91
CA ARG B 77 -5.31 -6.73 36.43
C ARG B 77 -6.44 -6.37 35.47
N ALA B 78 -6.31 -5.21 34.84
CA ALA B 78 -7.31 -4.73 33.88
C ALA B 78 -7.31 -5.71 32.71
N LEU B 79 -6.12 -6.05 32.21
CA LEU B 79 -6.04 -6.98 31.08
C LEU B 79 -6.52 -8.39 31.38
N GLU B 80 -6.33 -8.90 32.59
CA GLU B 80 -6.80 -10.25 32.86
C GLU B 80 -8.32 -10.29 33.00
N LEU B 81 -8.90 -9.17 33.43
CA LEU B 81 -10.35 -9.08 33.55
C LEU B 81 -10.96 -8.86 32.17
N LEU B 82 -10.29 -8.07 31.34
CA LEU B 82 -10.78 -7.76 29.98
C LEU B 82 -10.46 -8.82 28.91
N LYS B 83 -9.44 -9.63 29.17
CA LYS B 83 -9.02 -10.63 28.22
C LYS B 83 -10.10 -11.53 27.60
N PRO B 84 -10.98 -12.13 28.43
CA PRO B 84 -12.04 -12.99 27.88
C PRO B 84 -12.91 -12.29 26.86
N LEU B 85 -13.38 -11.08 27.18
CA LEU B 85 -14.22 -10.29 26.29
C LEU B 85 -13.50 -9.96 24.99
N LEU B 86 -12.27 -9.49 25.12
CA LEU B 86 -11.48 -9.14 23.97
C LEU B 86 -11.20 -10.32 23.04
N GLU B 87 -10.94 -11.51 23.60
CA GLU B 87 -10.61 -12.68 22.79
C GLU B 87 -11.80 -13.48 22.32
N ASP B 88 -13.00 -13.01 22.66
CA ASP B 88 -14.23 -13.69 22.29
C ASP B 88 -14.67 -13.23 20.90
N GLU B 89 -14.59 -14.13 19.92
CA GLU B 89 -14.96 -13.81 18.55
C GLU B 89 -16.41 -13.38 18.46
N LYS B 90 -17.23 -13.84 19.42
CA LYS B 90 -18.64 -13.51 19.42
C LYS B 90 -18.95 -12.10 19.92
N ALA B 91 -18.00 -11.49 20.65
CA ALA B 91 -18.19 -10.14 21.12
C ALA B 91 -17.66 -9.23 20.01
N LEU B 92 -18.57 -8.61 19.29
CA LEU B 92 -18.22 -7.76 18.15
C LEU B 92 -17.72 -6.37 18.49
N LYS B 93 -16.53 -6.03 18.00
CA LYS B 93 -15.95 -4.72 18.25
C LYS B 93 -15.96 -3.75 17.05
N VAL B 94 -16.04 -2.46 17.37
CA VAL B 94 -15.99 -1.36 16.39
C VAL B 94 -14.77 -0.54 16.80
N GLY B 95 -14.10 0.07 15.83
CA GLY B 95 -12.94 0.88 16.16
C GLY B 95 -12.45 1.63 14.94
N GLN B 96 -11.57 2.60 15.16
CA GLN B 96 -10.97 3.38 14.08
C GLN B 96 -9.52 2.89 13.96
N ASN B 97 -9.25 2.15 12.88
CA ASN B 97 -7.93 1.57 12.65
C ASN B 97 -7.59 0.56 13.72
N LEU B 98 -8.36 -0.51 13.74
CA LEU B 98 -8.23 -1.60 14.68
C LEU B 98 -6.92 -2.37 14.51
N LYS B 99 -6.23 -2.15 13.40
CA LYS B 99 -4.95 -2.83 13.14
C LYS B 99 -3.98 -2.50 14.27
N TYR B 100 -3.94 -1.22 14.63
CA TYR B 100 -3.05 -0.74 15.69
C TYR B 100 -3.36 -1.39 17.04
N ASP B 101 -4.64 -1.39 17.39
CA ASP B 101 -5.11 -1.94 18.65
C ASP B 101 -4.87 -3.43 18.78
N ARG B 102 -5.16 -4.17 17.70
CA ARG B 102 -4.98 -5.61 17.71
C ARG B 102 -3.51 -5.90 18.07
N GLY B 103 -2.62 -5.11 17.51
CA GLY B 103 -1.20 -5.32 17.79
C GLY B 103 -0.76 -5.02 19.20
N ILE B 104 -1.26 -3.94 19.77
CA ILE B 104 -0.91 -3.57 21.13
C ILE B 104 -1.27 -4.70 22.07
N LEU B 105 -2.48 -5.24 21.92
CA LEU B 105 -2.93 -6.33 22.76
C LEU B 105 -2.04 -7.55 22.59
N ALA B 106 -1.55 -7.75 21.37
CA ALA B 106 -0.67 -8.87 21.06
C ALA B 106 0.63 -8.74 21.84
N ASN B 107 0.96 -7.52 22.28
CA ASN B 107 2.17 -7.39 23.06
C ASN B 107 1.97 -8.03 24.44
N TYR B 108 0.75 -8.45 24.74
CA TYR B 108 0.45 -9.06 26.03
C TYR B 108 -0.11 -10.47 25.92
N GLY B 109 0.00 -11.09 24.75
CA GLY B 109 -0.52 -12.42 24.60
C GLY B 109 -2.04 -12.48 24.47
N ILE B 110 -2.65 -11.42 23.96
CA ILE B 110 -4.09 -11.40 23.77
C ILE B 110 -4.43 -11.30 22.27
N GLU B 111 -5.25 -12.23 21.78
CA GLU B 111 -5.67 -12.20 20.39
C GLU B 111 -7.06 -11.58 20.28
N LEU B 112 -7.09 -10.35 19.82
CA LEU B 112 -8.34 -9.64 19.66
C LEU B 112 -9.10 -10.35 18.54
N ARG B 113 -10.31 -10.80 18.86
CA ARG B 113 -11.18 -11.44 17.89
C ARG B 113 -12.45 -10.59 17.82
N GLY B 114 -13.36 -10.96 16.93
CA GLY B 114 -14.58 -10.17 16.81
C GLY B 114 -14.27 -8.80 16.23
N ILE B 115 -13.21 -8.73 15.43
CA ILE B 115 -12.82 -7.48 14.74
C ILE B 115 -13.79 -7.31 13.55
N ALA B 116 -15.02 -6.94 13.88
CA ALA B 116 -16.09 -6.80 12.89
C ALA B 116 -16.22 -5.49 12.09
N PHE B 117 -15.96 -4.36 12.73
CA PHE B 117 -16.11 -3.07 12.06
C PHE B 117 -14.98 -2.12 12.35
N ASP B 118 -14.48 -1.48 11.31
CA ASP B 118 -13.43 -0.48 11.41
C ASP B 118 -14.00 0.72 10.65
N THR B 119 -14.34 1.79 11.37
CA THR B 119 -14.93 2.94 10.73
C THR B 119 -14.08 3.57 9.63
N MET B 120 -12.75 3.39 9.72
CA MET B 120 -11.83 3.92 8.71
C MET B 120 -12.07 3.19 7.39
N LEU B 121 -12.31 1.88 7.51
CA LEU B 121 -12.56 1.06 6.35
C LEU B 121 -13.99 1.18 5.87
N GLU B 122 -14.94 1.44 6.78
CA GLU B 122 -16.32 1.60 6.34
C GLU B 122 -16.31 2.82 5.42
N SER B 123 -15.72 3.93 5.90
CA SER B 123 -15.64 5.16 5.13
C SER B 123 -14.97 4.91 3.75
N TYR B 124 -13.78 4.32 3.79
CA TYR B 124 -13.01 4.00 2.59
C TYR B 124 -13.80 3.27 1.50
N ILE B 125 -14.57 2.25 1.91
CA ILE B 125 -15.36 1.45 0.97
C ILE B 125 -16.61 2.19 0.49
N LEU B 126 -17.14 3.07 1.32
CA LEU B 126 -18.32 3.83 0.92
C LEU B 126 -17.94 4.70 -0.27
N ASN B 127 -16.75 5.31 -0.19
CA ASN B 127 -16.21 6.16 -1.26
C ASN B 127 -14.75 6.53 -0.95
N SER B 128 -13.82 5.75 -1.51
CA SER B 128 -12.40 5.96 -1.28
C SER B 128 -11.90 7.37 -1.51
N VAL B 129 -12.61 8.16 -2.30
CA VAL B 129 -12.13 9.50 -2.57
C VAL B 129 -12.96 10.64 -2.01
N ALA B 130 -13.85 10.34 -1.06
CA ALA B 130 -14.68 11.37 -0.45
C ALA B 130 -13.79 12.37 0.29
N GLY B 131 -12.69 11.88 0.83
CA GLY B 131 -11.79 12.76 1.56
C GLY B 131 -10.96 11.90 2.48
N ARG B 132 -10.26 12.51 3.44
CA ARG B 132 -9.44 11.73 4.37
C ARG B 132 -10.32 10.80 5.20
N HIS B 133 -9.80 9.64 5.55
CA HIS B 133 -10.59 8.69 6.34
C HIS B 133 -10.19 8.56 7.81
N ASP B 134 -9.55 9.59 8.34
CA ASP B 134 -9.16 9.58 9.74
C ASP B 134 -10.40 10.00 10.55
N MET B 135 -10.41 9.66 11.84
CA MET B 135 -11.55 10.00 12.66
C MET B 135 -11.95 11.47 12.74
N ASP B 136 -10.97 12.35 12.71
CA ASP B 136 -11.29 13.76 12.80
C ASP B 136 -11.96 14.30 11.56
N SER B 137 -11.54 13.79 10.40
CA SER B 137 -12.14 14.20 9.15
C SER B 137 -13.51 13.57 9.13
N LEU B 138 -13.58 12.31 9.53
CA LEU B 138 -14.85 11.60 9.55
C LEU B 138 -15.89 12.24 10.47
N ALA B 139 -15.48 12.58 11.68
CA ALA B 139 -16.39 13.18 12.65
C ALA B 139 -16.99 14.46 12.12
N GLU B 140 -16.15 15.28 11.50
CA GLU B 140 -16.58 16.57 10.95
C GLU B 140 -17.50 16.42 9.72
N ARG B 141 -17.25 15.40 8.90
CA ARG B 141 -18.04 15.17 7.70
C ARG B 141 -19.42 14.58 8.02
N TRP B 142 -19.44 13.49 8.78
CA TRP B 142 -20.68 12.81 9.12
C TRP B 142 -21.40 13.27 10.37
N LEU B 143 -20.69 13.85 11.32
CA LEU B 143 -21.32 14.25 12.56
C LEU B 143 -21.34 15.76 12.82
N LYS B 144 -20.73 16.53 11.93
CA LYS B 144 -20.65 17.97 12.11
C LYS B 144 -20.11 18.26 13.51
N HIS B 145 -19.19 17.41 13.97
CA HIS B 145 -18.59 17.51 15.30
C HIS B 145 -17.07 17.52 15.23
N LYS B 146 -16.45 18.51 15.86
CA LYS B 146 -14.99 18.60 15.89
C LYS B 146 -14.48 17.92 17.16
N THR B 147 -13.64 16.92 16.97
CA THR B 147 -13.07 16.13 18.06
C THR B 147 -11.85 16.74 18.73
N ILE B 148 -11.59 16.32 19.96
CA ILE B 148 -10.41 16.82 20.66
C ILE B 148 -9.20 16.20 19.96
N THR B 149 -8.28 17.06 19.58
CA THR B 149 -7.09 16.62 18.88
C THR B 149 -6.00 16.15 19.86
N PHE B 150 -5.09 15.28 19.41
CA PHE B 150 -4.03 14.81 20.31
C PHE B 150 -3.17 15.99 20.77
N GLU B 151 -2.86 16.88 19.84
CA GLU B 151 -2.06 18.08 20.11
C GLU B 151 -2.73 18.93 21.19
N GLU B 152 -4.06 18.88 21.25
CA GLU B 152 -4.80 19.67 22.23
C GLU B 152 -4.58 19.19 23.67
N ILE B 153 -4.26 17.90 23.84
CA ILE B 153 -4.02 17.38 25.18
C ILE B 153 -2.56 17.12 25.49
N ALA B 154 -1.77 16.87 24.46
CA ALA B 154 -0.37 16.55 24.62
C ALA B 154 0.61 17.68 24.37
N GLY B 155 0.21 18.67 23.58
CA GLY B 155 1.11 19.77 23.30
C GLY B 155 1.75 19.61 21.93
N LYS B 156 2.74 20.44 21.62
CA LYS B 156 3.44 20.36 20.34
C LYS B 156 4.95 20.39 20.41
N GLY B 157 5.57 20.02 19.30
CA GLY B 157 7.02 20.03 19.22
C GLY B 157 7.73 19.11 20.19
N LYS B 158 9.04 19.30 20.26
CA LYS B 158 9.89 18.48 21.11
C LYS B 158 9.46 18.39 22.57
N ASN B 159 8.67 19.33 23.05
CA ASN B 159 8.22 19.24 24.44
C ASN B 159 6.85 18.62 24.61
N GLN B 160 6.36 17.98 23.57
CA GLN B 160 5.06 17.34 23.60
C GLN B 160 5.06 16.23 24.64
N LEU B 161 3.95 16.07 25.34
CA LEU B 161 3.82 15.04 26.37
C LEU B 161 3.48 13.68 25.75
N THR B 162 3.83 12.61 26.46
CA THR B 162 3.44 11.28 26.03
C THR B 162 2.19 10.97 26.90
N PHE B 163 1.25 10.22 26.35
CA PHE B 163 0.00 9.93 27.06
C PHE B 163 0.05 9.61 28.55
N ASN B 164 1.12 8.98 29.01
CA ASN B 164 1.24 8.60 30.41
C ASN B 164 1.48 9.79 31.33
N GLN B 165 1.75 10.95 30.73
CA GLN B 165 2.02 12.14 31.51
C GLN B 165 0.83 13.06 31.58
N ILE B 166 -0.21 12.75 30.81
CA ILE B 166 -1.39 13.59 30.76
C ILE B 166 -2.31 13.21 31.91
N ALA B 167 -2.94 14.21 32.51
CA ALA B 167 -3.81 13.97 33.65
C ALA B 167 -4.94 13.02 33.28
N LEU B 168 -5.34 12.17 34.22
CA LEU B 168 -6.41 11.20 34.01
C LEU B 168 -7.66 11.73 33.30
N GLU B 169 -8.28 12.77 33.84
CA GLU B 169 -9.49 13.33 33.25
C GLU B 169 -9.32 13.93 31.86
N GLU B 170 -8.19 14.57 31.58
CA GLU B 170 -7.95 15.13 30.26
C GLU B 170 -7.82 13.99 29.26
N ALA B 171 -7.09 12.96 29.67
CA ALA B 171 -6.89 11.78 28.82
C ALA B 171 -8.24 11.10 28.62
N GLY B 172 -9.08 11.19 29.64
CA GLY B 172 -10.41 10.60 29.55
C GLY B 172 -11.26 11.26 28.47
N ARG B 173 -11.27 12.59 28.45
CA ARG B 173 -12.05 13.34 27.47
C ARG B 173 -11.72 12.86 26.07
N TYR B 174 -10.43 12.88 25.76
CA TYR B 174 -9.92 12.47 24.48
C TYR B 174 -10.27 11.00 24.13
N ALA B 175 -9.88 10.08 25.01
CA ALA B 175 -10.09 8.66 24.80
C ALA B 175 -11.54 8.23 24.73
N ALA B 176 -12.37 8.72 25.65
CA ALA B 176 -13.78 8.35 25.67
C ALA B 176 -14.52 8.90 24.46
N GLU B 177 -14.15 10.11 24.05
CA GLU B 177 -14.75 10.71 22.87
C GLU B 177 -14.42 9.87 21.63
N ASP B 178 -13.18 9.41 21.50
CA ASP B 178 -12.83 8.55 20.37
C ASP B 178 -13.84 7.42 20.28
N ALA B 179 -13.97 6.67 21.38
CA ALA B 179 -14.85 5.53 21.43
C ALA B 179 -16.28 5.89 21.09
N ASP B 180 -16.74 6.99 21.67
CA ASP B 180 -18.11 7.45 21.48
C ASP B 180 -18.38 7.84 20.02
N VAL B 181 -17.55 8.73 19.49
CA VAL B 181 -17.66 9.18 18.11
C VAL B 181 -17.55 7.98 17.17
N THR B 182 -16.61 7.08 17.43
CA THR B 182 -16.45 5.91 16.59
C THR B 182 -17.75 5.13 16.48
N LEU B 183 -18.41 4.91 17.61
CA LEU B 183 -19.68 4.16 17.61
C LEU B 183 -20.79 4.93 16.87
N GLN B 184 -20.81 6.24 17.04
CA GLN B 184 -21.80 7.06 16.35
C GLN B 184 -21.54 6.99 14.85
N LEU B 185 -20.27 7.08 14.44
CA LEU B 185 -19.92 6.98 13.03
C LEU B 185 -20.36 5.64 12.43
N HIS B 186 -20.19 4.57 13.18
CA HIS B 186 -20.61 3.26 12.73
C HIS B 186 -22.13 3.23 12.54
N LEU B 187 -22.87 3.72 13.53
CA LEU B 187 -24.32 3.76 13.46
C LEU B 187 -24.83 4.53 12.25
N LYS B 188 -24.09 5.53 11.79
CA LYS B 188 -24.48 6.29 10.61
C LYS B 188 -24.01 5.64 9.30
N MET B 189 -22.79 5.07 9.30
CA MET B 189 -22.24 4.45 8.10
C MET B 189 -22.65 3.01 7.82
N TRP B 190 -22.73 2.19 8.85
CA TRP B 190 -23.08 0.79 8.64
C TRP B 190 -24.41 0.65 7.89
N PRO B 191 -25.46 1.39 8.32
CA PRO B 191 -26.75 1.28 7.62
C PRO B 191 -26.57 1.61 6.14
N ASP B 192 -25.85 2.70 5.85
CA ASP B 192 -25.57 3.13 4.48
C ASP B 192 -24.85 2.06 3.66
N LEU B 193 -23.81 1.44 4.23
CA LEU B 193 -23.02 0.41 3.55
C LEU B 193 -23.85 -0.75 3.05
N GLN B 194 -25.16 -0.70 3.26
CA GLN B 194 -26.00 -1.80 2.87
C GLN B 194 -26.87 -1.52 1.64
N LYS B 195 -26.88 -0.26 1.24
CA LYS B 195 -27.65 0.14 0.08
C LYS B 195 -27.09 -0.55 -1.17
N HIS B 196 -25.93 -1.19 -1.07
CA HIS B 196 -25.35 -1.88 -2.24
C HIS B 196 -24.50 -3.10 -1.88
N LYS B 197 -24.82 -4.25 -2.49
CA LYS B 197 -24.13 -5.50 -2.21
C LYS B 197 -22.70 -5.60 -2.70
N GLY B 198 -22.28 -4.70 -3.58
CA GLY B 198 -20.90 -4.72 -4.06
C GLY B 198 -19.93 -4.26 -2.98
N PRO B 199 -20.02 -2.98 -2.58
CA PRO B 199 -19.11 -2.48 -1.55
C PRO B 199 -19.25 -3.28 -0.27
N LEU B 200 -20.46 -3.72 0.03
CA LEU B 200 -20.69 -4.50 1.23
C LEU B 200 -19.84 -5.77 1.18
N ASN B 201 -19.74 -6.36 0.00
CA ASN B 201 -18.97 -7.60 -0.19
C ASN B 201 -17.49 -7.36 0.03
N VAL B 202 -17.00 -6.28 -0.54
CA VAL B 202 -15.59 -5.95 -0.41
C VAL B 202 -15.22 -5.65 1.05
N PHE B 203 -16.06 -4.88 1.73
CA PHE B 203 -15.87 -4.48 3.12
C PHE B 203 -15.84 -5.70 4.02
N GLU B 204 -16.80 -6.58 3.81
CA GLU B 204 -16.95 -7.79 4.61
C GLU B 204 -16.00 -8.93 4.40
N ASN B 205 -15.69 -9.23 3.15
CA ASN B 205 -14.83 -10.36 2.86
C ASN B 205 -13.42 -10.06 2.41
N ILE B 206 -13.16 -8.78 2.13
CA ILE B 206 -11.84 -8.42 1.71
C ILE B 206 -11.18 -7.49 2.71
N GLU B 207 -11.76 -6.30 2.91
CA GLU B 207 -11.17 -5.35 3.83
C GLU B 207 -11.11 -5.71 5.33
N MET B 208 -12.23 -6.08 5.93
CA MET B 208 -12.20 -6.40 7.35
C MET B 208 -11.34 -7.60 7.69
N PRO B 209 -11.47 -8.70 6.95
CA PRO B 209 -10.61 -9.86 7.27
C PRO B 209 -9.10 -9.57 7.16
N LEU B 210 -8.75 -8.58 6.33
CA LEU B 210 -7.34 -8.21 6.12
C LEU B 210 -6.75 -7.41 7.26
N VAL B 211 -7.59 -6.84 8.12
CA VAL B 211 -7.11 -6.05 9.25
C VAL B 211 -6.07 -6.80 10.09
N PRO B 212 -6.44 -7.94 10.68
CA PRO B 212 -5.43 -8.66 11.47
C PRO B 212 -4.23 -9.24 10.69
N VAL B 213 -4.37 -9.53 9.40
CA VAL B 213 -3.23 -10.05 8.66
C VAL B 213 -2.22 -8.92 8.38
N LEU B 214 -2.69 -7.70 8.15
CA LEU B 214 -1.72 -6.61 7.96
C LEU B 214 -0.95 -6.40 9.26
N SER B 215 -1.67 -6.45 10.39
CA SER B 215 -1.06 -6.28 11.71
C SER B 215 0.09 -7.26 11.86
N ARG B 216 -0.18 -8.53 11.55
CA ARG B 216 0.83 -9.57 11.63
C ARG B 216 2.00 -9.36 10.67
N ILE B 217 1.73 -8.91 9.45
CA ILE B 217 2.81 -8.68 8.50
C ILE B 217 3.69 -7.57 9.05
N GLU B 218 3.07 -6.46 9.43
CA GLU B 218 3.82 -5.33 9.97
C GLU B 218 4.69 -5.68 11.19
N ARG B 219 4.10 -6.42 12.13
CA ARG B 219 4.83 -6.79 13.35
C ARG B 219 5.92 -7.81 13.12
N ASN B 220 5.87 -8.58 12.03
CA ASN B 220 6.90 -9.56 11.70
C ASN B 220 8.15 -8.80 11.29
N GLY B 221 7.98 -7.81 10.44
CA GLY B 221 9.12 -7.02 9.99
C GLY B 221 9.94 -7.76 8.97
N VAL B 222 11.02 -7.13 8.50
CA VAL B 222 11.90 -7.76 7.53
C VAL B 222 13.35 -7.57 7.98
N LYS B 223 14.16 -8.60 7.82
CA LYS B 223 15.58 -8.60 8.21
C LYS B 223 16.42 -7.86 7.16
N ILE B 224 17.04 -6.78 7.59
CA ILE B 224 17.88 -5.97 6.72
C ILE B 224 19.32 -5.99 7.23
N ASP B 225 20.29 -6.26 6.35
CA ASP B 225 21.69 -6.30 6.77
C ASP B 225 22.25 -4.89 6.65
N PRO B 226 22.57 -4.23 7.77
CA PRO B 226 23.10 -2.87 7.76
C PRO B 226 24.53 -2.72 7.26
N LYS B 227 25.36 -3.77 7.30
CA LYS B 227 26.75 -3.65 6.81
C LYS B 227 26.74 -3.43 5.31
N VAL B 228 25.99 -4.30 4.62
CA VAL B 228 25.85 -4.23 3.17
C VAL B 228 25.41 -2.82 2.80
N LEU B 229 24.36 -2.32 3.44
CA LEU B 229 23.89 -0.98 3.14
C LEU B 229 24.97 0.08 3.39
N HIS B 230 25.73 -0.10 4.45
CA HIS B 230 26.77 0.87 4.77
C HIS B 230 27.88 0.91 3.73
N ASN B 231 28.36 -0.27 3.33
CA ASN B 231 29.41 -0.33 2.31
C ASN B 231 28.91 0.23 0.98
N HIS B 232 27.63 0.02 0.71
CA HIS B 232 27.02 0.52 -0.51
C HIS B 232 27.02 2.04 -0.44
N SER B 233 26.83 2.58 0.75
CA SER B 233 26.81 4.03 0.93
C SER B 233 28.20 4.61 0.70
N GLU B 234 29.21 3.97 1.29
CA GLU B 234 30.60 4.41 1.16
C GLU B 234 31.02 4.36 -0.30
N GLU B 235 30.64 3.29 -0.98
CA GLU B 235 31.00 3.16 -2.37
C GLU B 235 30.31 4.23 -3.22
N LEU B 236 29.07 4.56 -2.88
CA LEU B 236 28.31 5.58 -3.59
C LEU B 236 28.87 6.97 -3.38
N THR B 237 29.54 7.17 -2.26
CA THR B 237 30.16 8.45 -1.97
C THR B 237 31.36 8.59 -2.89
N LEU B 238 32.13 7.51 -3.04
CA LEU B 238 33.28 7.50 -3.91
C LEU B 238 32.78 7.67 -5.35
N ARG B 239 31.78 6.89 -5.75
CA ARG B 239 31.26 6.98 -7.11
C ARG B 239 30.69 8.34 -7.46
N LEU B 240 30.06 9.01 -6.49
CA LEU B 240 29.50 10.34 -6.74
C LEU B 240 30.62 11.36 -6.89
N ALA B 241 31.72 11.16 -6.16
CA ALA B 241 32.86 12.06 -6.24
C ALA B 241 33.50 11.88 -7.62
N GLU B 242 33.65 10.61 -8.03
CA GLU B 242 34.23 10.25 -9.32
C GLU B 242 33.48 10.84 -10.51
N LEU B 243 32.15 10.74 -10.46
CA LEU B 243 31.27 11.25 -11.51
C LEU B 243 31.34 12.76 -11.59
N GLU B 244 31.52 13.38 -10.43
CA GLU B 244 31.61 14.83 -10.34
C GLU B 244 32.86 15.22 -11.10
N LYS B 245 33.94 14.46 -10.92
CA LYS B 245 35.19 14.72 -11.62
C LYS B 245 35.02 14.40 -13.10
N LYS B 246 34.40 13.26 -13.43
CA LYS B 246 34.19 12.93 -14.84
C LYS B 246 33.40 14.02 -15.56
N ALA B 247 32.49 14.67 -14.84
CA ALA B 247 31.69 15.75 -15.43
C ALA B 247 32.52 17.01 -15.62
N HIS B 248 33.23 17.41 -14.58
CA HIS B 248 34.10 18.60 -14.64
C HIS B 248 35.09 18.45 -15.80
N GLU B 249 35.62 17.24 -15.96
CA GLU B 249 36.60 16.90 -16.99
C GLU B 249 36.04 16.90 -18.41
N ILE B 250 34.78 16.50 -18.57
CA ILE B 250 34.17 16.48 -19.89
C ILE B 250 33.91 17.91 -20.36
N ALA B 251 33.68 18.81 -19.41
CA ALA B 251 33.45 20.21 -19.70
C ALA B 251 34.71 20.95 -19.22
N GLY B 252 34.51 22.12 -18.64
CA GLY B 252 35.61 22.89 -18.11
C GLY B 252 35.14 23.51 -16.82
N GLU B 253 36.06 23.72 -15.89
CA GLU B 253 35.77 24.32 -14.57
C GLU B 253 34.84 23.46 -13.72
N GLU B 254 34.48 24.00 -12.55
CA GLU B 254 33.58 23.32 -11.64
C GLU B 254 32.17 23.86 -11.86
N PHE B 255 31.16 23.11 -11.40
CA PHE B 255 29.78 23.53 -11.58
C PHE B 255 28.88 22.51 -10.90
N ASN B 256 27.73 22.95 -10.41
CA ASN B 256 26.80 22.03 -9.77
C ASN B 256 26.15 21.18 -10.85
N LEU B 257 25.51 20.08 -10.44
CA LEU B 257 24.89 19.21 -11.42
C LEU B 257 23.39 19.44 -11.51
N SER B 258 23.02 20.72 -11.51
CA SER B 258 21.63 21.17 -11.57
C SER B 258 21.27 21.84 -12.89
N SER B 259 20.22 21.36 -13.55
CA SER B 259 19.80 21.94 -14.82
C SER B 259 19.13 23.29 -14.58
N THR B 260 18.82 24.00 -15.67
CA THR B 260 18.20 25.33 -15.60
C THR B 260 18.90 26.28 -14.63
N LYS B 261 20.21 26.06 -14.48
CA LYS B 261 21.08 26.86 -13.62
C LYS B 261 22.52 26.81 -14.13
N GLN B 262 23.12 25.61 -14.09
CA GLN B 262 24.50 25.39 -14.50
C GLN B 262 24.62 24.53 -15.77
N LEU B 263 23.69 23.59 -15.91
CA LEU B 263 23.72 22.66 -17.04
C LEU B 263 23.36 23.19 -18.43
N GLN B 264 22.31 23.99 -18.53
CA GLN B 264 21.89 24.55 -19.82
C GLN B 264 23.00 25.44 -20.40
N THR B 265 23.74 26.07 -19.49
CA THR B 265 24.85 26.94 -19.85
C THR B 265 26.08 26.19 -20.36
N ILE B 266 26.16 24.90 -20.07
CA ILE B 266 27.29 24.08 -20.51
C ILE B 266 26.83 23.24 -21.69
N LEU B 267 25.83 22.39 -21.44
CA LEU B 267 25.22 21.48 -22.41
C LEU B 267 24.84 22.09 -23.76
N PHE B 268 24.07 23.18 -23.72
CA PHE B 268 23.59 23.83 -24.94
C PHE B 268 24.58 24.84 -25.50
N GLU B 269 25.39 25.43 -24.62
CA GLU B 269 26.39 26.39 -25.04
C GLU B 269 27.45 25.68 -25.90
N LYS B 270 27.58 24.37 -25.70
CA LYS B 270 28.54 23.58 -26.49
C LYS B 270 27.82 22.71 -27.50
N GLN B 271 26.64 23.17 -27.93
CA GLN B 271 25.78 22.48 -28.90
C GLN B 271 24.72 21.54 -28.31
N GLY B 272 23.47 21.81 -28.70
CA GLY B 272 22.34 21.03 -28.22
C GLY B 272 21.16 22.00 -28.17
N ILE B 273 19.96 21.52 -28.47
CA ILE B 273 18.81 22.40 -28.45
C ILE B 273 18.40 22.84 -27.05
N LYS B 274 18.47 24.15 -26.84
CA LYS B 274 18.11 24.87 -25.63
C LYS B 274 17.22 24.32 -24.48
N PRO B 275 16.10 23.62 -24.79
CA PRO B 275 15.26 23.13 -23.68
C PRO B 275 15.94 22.17 -22.68
N LEU B 276 15.89 22.52 -21.38
CA LEU B 276 16.48 21.72 -20.31
C LEU B 276 15.66 20.46 -19.96
N LYS B 277 16.22 19.54 -19.18
CA LYS B 277 15.52 18.31 -18.80
C LYS B 277 14.94 18.34 -17.39
N LYS B 278 13.61 18.32 -17.29
CA LYS B 278 12.92 18.35 -16.01
C LYS B 278 12.95 17.00 -15.29
N THR B 279 13.25 17.03 -14.00
CA THR B 279 13.34 15.84 -13.17
C THR B 279 11.95 15.42 -12.67
N PRO B 284 5.69 15.11 -17.36
CA PRO B 284 6.86 15.96 -17.71
C PRO B 284 8.15 15.14 -17.81
N SER B 285 8.53 14.52 -16.69
CA SER B 285 9.75 13.72 -16.58
C SER B 285 9.81 12.47 -17.46
N THR B 286 8.90 11.53 -17.23
CA THR B 286 8.87 10.30 -18.01
C THR B 286 8.13 10.47 -19.33
N SER B 287 8.19 11.68 -19.88
CA SER B 287 7.50 12.01 -21.13
C SER B 287 8.40 12.72 -22.14
N GLU B 288 9.42 13.40 -21.63
CA GLU B 288 10.35 14.14 -22.47
C GLU B 288 11.61 14.45 -21.67
N GLU B 289 12.40 13.40 -21.41
CA GLU B 289 13.62 13.57 -20.63
C GLU B 289 14.86 13.93 -21.47
N VAL B 290 15.04 15.23 -21.69
CA VAL B 290 16.14 15.80 -22.46
C VAL B 290 17.53 15.19 -22.23
N LEU B 291 17.88 14.97 -20.97
CA LEU B 291 19.20 14.43 -20.64
C LEU B 291 19.44 13.02 -21.20
N GLU B 292 18.47 12.12 -21.05
CA GLU B 292 18.66 10.77 -21.55
C GLU B 292 18.67 10.61 -23.07
N GLU B 293 18.09 11.55 -23.81
CA GLU B 293 18.15 11.45 -25.27
C GLU B 293 19.62 11.63 -25.59
N LEU B 294 20.12 12.82 -25.24
CA LEU B 294 21.51 13.21 -25.43
C LEU B 294 22.45 12.07 -25.09
N ALA B 295 22.10 11.32 -24.05
CA ALA B 295 22.89 10.21 -23.55
C ALA B 295 23.37 9.21 -24.60
N LEU B 296 22.62 9.05 -25.68
CA LEU B 296 23.01 8.11 -26.72
C LEU B 296 24.27 8.50 -27.48
N ASP B 297 24.72 9.74 -27.28
CA ASP B 297 25.94 10.23 -27.91
C ASP B 297 26.69 11.19 -26.99
N TYR B 298 25.96 12.13 -26.40
CA TYR B 298 26.57 13.11 -25.48
C TYR B 298 26.86 12.47 -24.12
N PRO B 299 28.15 12.37 -23.74
CA PRO B 299 28.56 11.77 -22.47
C PRO B 299 28.24 12.57 -21.19
N LEU B 300 28.20 13.90 -21.27
CA LEU B 300 27.94 14.71 -20.09
C LEU B 300 26.55 14.47 -19.51
N PRO B 301 25.51 14.59 -20.33
CA PRO B 301 24.17 14.35 -19.79
C PRO B 301 24.06 12.97 -19.16
N LYS B 302 24.81 12.01 -19.72
CA LYS B 302 24.83 10.64 -19.23
C LYS B 302 25.40 10.53 -17.81
N VAL B 303 26.51 11.21 -17.52
CA VAL B 303 27.10 11.11 -16.19
C VAL B 303 26.37 11.96 -15.16
N ILE B 304 25.66 12.98 -15.62
CA ILE B 304 24.90 13.84 -14.73
C ILE B 304 23.65 13.08 -14.33
N LEU B 305 23.12 12.33 -15.28
CA LEU B 305 21.92 11.54 -15.07
C LEU B 305 22.25 10.46 -14.05
N GLU B 306 23.28 9.67 -14.33
CA GLU B 306 23.70 8.59 -13.47
C GLU B 306 24.15 9.08 -12.10
N TYR B 307 24.46 10.37 -12.01
CA TYR B 307 24.89 10.99 -10.76
C TYR B 307 23.69 11.27 -9.83
N ARG B 308 22.71 12.01 -10.34
CA ARG B 308 21.51 12.34 -9.58
C ARG B 308 20.80 11.11 -9.06
N GLY B 309 20.64 10.12 -9.94
CA GLY B 309 19.98 8.90 -9.57
C GLY B 309 20.67 8.25 -8.38
N LEU B 310 22.00 8.21 -8.42
CA LEU B 310 22.74 7.61 -7.31
C LEU B 310 22.60 8.42 -6.03
N ALA B 311 22.63 9.75 -6.14
CA ALA B 311 22.53 10.61 -4.96
C ALA B 311 21.18 10.47 -4.26
N LYS B 312 20.12 10.37 -5.03
CA LYS B 312 18.76 10.22 -4.50
C LYS B 312 18.63 8.90 -3.74
N LEU B 313 19.11 7.84 -4.39
CA LEU B 313 19.07 6.49 -3.86
C LEU B 313 19.84 6.32 -2.54
N LYS B 314 21.01 6.93 -2.46
CA LYS B 314 21.84 6.84 -1.26
C LYS B 314 21.17 7.42 -0.02
N SER B 315 20.62 8.61 -0.17
CA SER B 315 19.96 9.29 0.95
C SER B 315 18.59 8.75 1.28
N THR B 316 17.95 8.07 0.33
CA THR B 316 16.61 7.53 0.55
C THR B 316 16.58 6.12 1.11
N TYR B 317 17.54 5.28 0.70
CA TYR B 317 17.58 3.92 1.18
C TYR B 317 18.87 3.49 1.83
N THR B 318 19.99 3.93 1.27
CA THR B 318 21.26 3.53 1.84
C THR B 318 21.57 4.17 3.20
N ASP B 319 21.20 5.44 3.36
CA ASP B 319 21.45 6.13 4.62
C ASP B 319 20.29 6.07 5.60
N LYS B 320 19.07 5.92 5.10
CA LYS B 320 17.88 5.88 5.93
C LYS B 320 17.56 4.50 6.51
N LEU B 321 17.55 3.50 5.64
CA LEU B 321 17.22 2.12 6.02
C LEU B 321 17.85 1.58 7.32
N PRO B 322 19.18 1.72 7.50
CA PRO B 322 19.83 1.20 8.71
C PRO B 322 19.31 1.88 9.98
N LEU B 323 18.86 3.12 9.84
CA LEU B 323 18.32 3.87 10.95
C LEU B 323 16.93 3.36 11.35
N MET B 324 16.28 2.64 10.45
CA MET B 324 14.93 2.11 10.67
C MET B 324 14.88 0.81 11.43
N ILE B 325 16.03 0.24 11.76
CA ILE B 325 16.06 -1.02 12.50
C ILE B 325 15.57 -0.78 13.93
N ASN B 326 14.60 -1.58 14.35
CA ASN B 326 14.04 -1.46 15.70
C ASN B 326 14.95 -2.18 16.70
N PRO B 327 15.38 -1.48 17.75
CA PRO B 327 16.25 -2.04 18.77
C PRO B 327 15.68 -3.23 19.50
N LYS B 328 14.36 -3.33 19.57
CA LYS B 328 13.70 -4.42 20.28
C LYS B 328 13.62 -5.75 19.51
N THR B 329 13.48 -5.68 18.20
CA THR B 329 13.39 -6.90 17.38
C THR B 329 14.62 -7.09 16.47
N GLY B 330 15.31 -6.00 16.18
CA GLY B 330 16.47 -6.08 15.32
C GLY B 330 16.02 -6.17 13.88
N ARG B 331 14.75 -5.84 13.65
CA ARG B 331 14.20 -5.87 12.31
C ARG B 331 13.54 -4.56 11.93
N VAL B 332 13.24 -4.40 10.65
CA VAL B 332 12.58 -3.18 10.15
C VAL B 332 11.07 -3.47 10.01
N HIS B 333 10.23 -2.50 10.34
CA HIS B 333 8.78 -2.66 10.29
C HIS B 333 8.12 -1.58 9.42
N THR B 334 7.79 -1.93 8.18
CA THR B 334 7.15 -0.97 7.29
C THR B 334 5.70 -0.75 7.64
N SER B 335 5.19 0.41 7.25
CA SER B 335 3.78 0.76 7.51
C SER B 335 2.96 0.55 6.25
N TYR B 336 1.95 -0.32 6.33
CA TYR B 336 1.06 -0.57 5.22
C TYR B 336 -0.18 0.27 5.45
N HIS B 337 -0.62 0.99 4.43
CA HIS B 337 -1.81 1.82 4.57
C HIS B 337 -2.93 1.18 3.76
N GLN B 338 -4.00 0.82 4.46
CA GLN B 338 -5.13 0.14 3.83
C GLN B 338 -6.21 1.05 3.25
N ALA B 339 -6.25 2.31 3.64
CA ALA B 339 -7.29 3.21 3.13
C ALA B 339 -6.73 4.52 2.57
N VAL B 340 -5.84 4.42 1.59
CA VAL B 340 -5.23 5.61 1.01
C VAL B 340 -5.36 5.73 -0.52
N THR B 341 -5.11 4.66 -1.25
CA THR B 341 -5.18 4.75 -2.70
C THR B 341 -6.62 4.78 -3.15
N ALA B 342 -6.85 5.35 -4.33
CA ALA B 342 -8.19 5.46 -4.89
C ALA B 342 -8.70 4.13 -5.47
N THR B 343 -7.78 3.31 -5.95
CA THR B 343 -8.15 2.03 -6.54
C THR B 343 -8.25 0.84 -5.61
N GLY B 344 -7.69 0.95 -4.40
CA GLY B 344 -7.78 -0.16 -3.47
C GLY B 344 -6.50 -0.92 -3.21
N ARG B 345 -5.41 -0.50 -3.86
CA ARG B 345 -4.12 -1.16 -3.67
C ARG B 345 -3.52 -0.72 -2.33
N LEU B 346 -2.77 -1.59 -1.67
CA LEU B 346 -2.13 -1.20 -0.42
C LEU B 346 -0.96 -0.27 -0.76
N SER B 347 -0.75 0.77 0.02
CA SER B 347 0.39 1.63 -0.21
C SER B 347 1.34 1.26 0.94
N SER B 348 2.55 1.83 0.92
CA SER B 348 3.53 1.49 1.92
C SER B 348 4.49 2.65 2.20
N THR B 349 4.89 2.82 3.46
CA THR B 349 5.82 3.88 3.85
C THR B 349 6.79 3.43 4.95
N ASP B 350 7.93 4.10 5.03
CA ASP B 350 8.97 3.85 6.02
C ASP B 350 9.36 2.39 6.24
N PRO B 351 9.91 1.74 5.20
CA PRO B 351 10.17 2.31 3.90
C PRO B 351 9.06 2.04 2.88
N ASN B 352 9.08 2.81 1.79
CA ASN B 352 8.15 2.67 0.70
C ASN B 352 8.82 1.61 -0.18
N LEU B 353 8.45 0.35 0.02
CA LEU B 353 9.04 -0.73 -0.76
C LEU B 353 8.82 -0.62 -2.25
N GLN B 354 7.72 -0.01 -2.66
CA GLN B 354 7.44 0.06 -4.08
C GLN B 354 8.31 1.01 -4.87
N ASN B 355 9.01 1.91 -4.20
CA ASN B 355 9.89 2.85 -4.90
C ASN B 355 11.34 2.41 -5.07
N ILE B 356 11.64 1.18 -4.64
CA ILE B 356 12.98 0.62 -4.79
C ILE B 356 13.05 0.21 -6.24
N PRO B 357 13.99 0.77 -7.02
CA PRO B 357 14.12 0.44 -8.44
C PRO B 357 14.00 -1.05 -8.73
N VAL B 358 13.13 -1.40 -9.68
CA VAL B 358 12.92 -2.79 -10.06
C VAL B 358 13.90 -3.21 -11.16
N ARG B 359 13.87 -2.50 -12.29
CA ARG B 359 14.79 -2.79 -13.38
C ARG B 359 15.95 -1.80 -13.37
N ASN B 360 16.94 -2.13 -12.54
CA ASN B 360 18.15 -1.33 -12.36
C ASN B 360 19.06 -2.17 -11.45
N GLU B 361 20.37 -1.98 -11.52
CA GLU B 361 21.25 -2.78 -10.67
C GLU B 361 21.34 -2.30 -9.25
N GLU B 362 21.42 -0.99 -9.05
CA GLU B 362 21.51 -0.46 -7.70
C GLU B 362 20.26 -0.85 -6.91
N GLY B 363 19.12 -0.91 -7.58
CA GLY B 363 17.91 -1.33 -6.90
C GLY B 363 18.12 -2.76 -6.47
N ARG B 364 18.73 -3.55 -7.35
CA ARG B 364 19.01 -4.96 -7.05
C ARG B 364 19.91 -5.11 -5.83
N ARG B 365 20.85 -4.20 -5.63
CA ARG B 365 21.72 -4.32 -4.47
C ARG B 365 20.99 -3.94 -3.19
N ILE B 366 20.03 -3.03 -3.30
CA ILE B 366 19.26 -2.67 -2.13
C ILE B 366 18.57 -3.93 -1.67
N ARG B 367 17.89 -4.60 -2.60
CA ARG B 367 17.18 -5.84 -2.32
C ARG B 367 18.06 -6.96 -1.78
N GLN B 368 19.35 -6.89 -2.07
CA GLN B 368 20.29 -7.91 -1.59
C GLN B 368 20.50 -7.75 -0.10
N ALA B 369 20.09 -6.61 0.43
CA ALA B 369 20.24 -6.34 1.86
C ALA B 369 19.07 -6.91 2.66
N PHE B 370 18.01 -7.30 1.97
CA PHE B 370 16.85 -7.89 2.63
C PHE B 370 17.16 -9.38 2.68
N ILE B 371 17.70 -9.83 3.80
CA ILE B 371 18.13 -11.23 3.96
C ILE B 371 17.27 -12.14 4.80
N ALA B 372 17.50 -13.45 4.64
CA ALA B 372 16.77 -14.44 5.40
C ALA B 372 17.58 -14.86 6.65
N PRO B 373 16.91 -15.03 7.80
CA PRO B 373 17.68 -15.45 8.97
C PRO B 373 18.30 -16.83 8.74
N GLU B 374 19.19 -17.25 9.64
CA GLU B 374 19.90 -18.53 9.57
C GLU B 374 18.95 -19.72 9.43
N ASP B 375 19.28 -20.60 8.48
CA ASP B 375 18.50 -21.80 8.19
C ASP B 375 17.15 -21.55 7.53
N TYR B 376 17.00 -20.36 6.95
CA TYR B 376 15.79 -19.97 6.25
C TYR B 376 16.17 -19.38 4.88
N VAL B 377 15.17 -19.24 4.00
CA VAL B 377 15.40 -18.67 2.69
C VAL B 377 14.26 -17.71 2.37
N ILE B 378 14.54 -16.73 1.52
CA ILE B 378 13.51 -15.79 1.12
C ILE B 378 12.78 -16.42 -0.06
N VAL B 379 11.46 -16.28 -0.10
CA VAL B 379 10.67 -16.82 -1.19
C VAL B 379 9.77 -15.73 -1.74
N SER B 380 9.78 -15.62 -3.06
CA SER B 380 8.99 -14.62 -3.74
C SER B 380 7.92 -15.28 -4.63
N ALA B 381 6.65 -14.96 -4.37
CA ALA B 381 5.54 -15.49 -5.15
C ALA B 381 4.91 -14.30 -5.91
N ASP B 382 5.00 -14.32 -7.23
CA ASP B 382 4.52 -13.24 -8.07
C ASP B 382 3.40 -13.62 -9.06
N TYR B 383 2.43 -12.73 -9.22
CA TYR B 383 1.33 -12.94 -10.17
C TYR B 383 1.82 -12.36 -11.51
N SER B 384 2.20 -13.22 -12.44
CA SER B 384 2.68 -12.78 -13.75
C SER B 384 1.63 -11.94 -14.46
N GLN B 385 2.02 -10.73 -14.84
CA GLN B 385 1.15 -9.77 -15.51
C GLN B 385 -0.34 -9.97 -15.27
N ILE B 386 -0.73 -9.95 -13.99
CA ILE B 386 -2.10 -10.15 -13.57
C ILE B 386 -3.02 -9.10 -14.20
N GLU B 387 -2.60 -7.84 -14.26
CA GLU B 387 -3.47 -6.81 -14.83
C GLU B 387 -3.80 -7.07 -16.31
N LEU B 388 -2.86 -7.64 -17.05
CA LEU B 388 -3.09 -7.93 -18.46
C LEU B 388 -4.02 -9.13 -18.61
N ARG B 389 -3.88 -10.11 -17.72
CA ARG B 389 -4.77 -11.26 -17.77
C ARG B 389 -6.19 -10.83 -17.42
N ILE B 390 -6.30 -9.85 -16.51
CA ILE B 390 -7.60 -9.34 -16.11
C ILE B 390 -8.23 -8.66 -17.30
N MET B 391 -7.48 -7.97 -18.16
CA MET B 391 -8.00 -7.31 -19.35
C MET B 391 -8.47 -8.32 -20.41
N ALA B 392 -7.75 -9.42 -20.56
CA ALA B 392 -8.14 -10.42 -21.53
C ALA B 392 -9.54 -10.92 -21.20
N HIS B 393 -9.78 -11.16 -19.91
CA HIS B 393 -11.06 -11.65 -19.42
C HIS B 393 -12.15 -10.60 -19.59
N LEU B 394 -11.86 -9.38 -19.16
CA LEU B 394 -12.83 -8.30 -19.25
C LEU B 394 -13.19 -7.95 -20.67
N SER B 395 -12.32 -8.32 -21.60
CA SER B 395 -12.60 -8.00 -22.99
C SER B 395 -13.10 -9.20 -23.75
N ARG B 396 -13.18 -10.33 -23.07
CA ARG B 396 -13.66 -11.59 -23.64
C ARG B 396 -12.97 -11.93 -24.95
N ASP B 397 -11.75 -11.43 -25.12
CA ASP B 397 -10.96 -11.65 -26.33
C ASP B 397 -10.28 -13.02 -26.37
N LYS B 398 -10.71 -13.84 -27.32
CA LYS B 398 -10.19 -15.19 -27.51
C LYS B 398 -8.71 -15.20 -27.91
N GLY B 399 -8.27 -14.08 -28.48
CA GLY B 399 -6.89 -13.98 -28.91
C GLY B 399 -6.01 -13.97 -27.70
N LEU B 400 -6.20 -12.96 -26.85
CA LEU B 400 -5.42 -12.82 -25.62
C LEU B 400 -5.64 -14.03 -24.72
N LEU B 401 -6.91 -14.35 -24.49
CA LEU B 401 -7.26 -15.47 -23.66
C LEU B 401 -6.52 -16.73 -24.08
N THR B 402 -6.40 -16.96 -25.39
CA THR B 402 -5.69 -18.14 -25.86
C THR B 402 -4.17 -18.01 -25.68
N ALA B 403 -3.64 -16.80 -25.88
CA ALA B 403 -2.21 -16.56 -25.69
C ALA B 403 -1.85 -16.99 -24.28
N PHE B 404 -2.62 -16.50 -23.31
CA PHE B 404 -2.38 -16.87 -21.92
C PHE B 404 -2.59 -18.36 -21.71
N ALA B 405 -3.63 -18.90 -22.35
CA ALA B 405 -3.96 -20.30 -22.22
C ALA B 405 -2.81 -21.23 -22.62
N GLU B 406 -2.10 -20.92 -23.69
CA GLU B 406 -0.98 -21.78 -24.10
C GLU B 406 0.40 -21.38 -23.61
N GLY B 407 0.44 -20.41 -22.71
CA GLY B 407 1.69 -19.98 -22.12
C GLY B 407 2.60 -19.15 -22.99
N LYS B 408 2.06 -18.43 -23.97
CA LYS B 408 2.94 -17.63 -24.79
C LYS B 408 3.20 -16.29 -24.11
N ASP B 409 4.24 -15.61 -24.55
CA ASP B 409 4.62 -14.29 -24.04
C ASP B 409 3.56 -13.36 -24.67
N ILE B 410 2.65 -12.81 -23.88
CA ILE B 410 1.66 -11.96 -24.53
C ILE B 410 2.25 -10.81 -25.32
N HIS B 411 3.39 -10.29 -24.91
CA HIS B 411 4.00 -9.19 -25.64
C HIS B 411 4.48 -9.62 -27.02
N ARG B 412 5.03 -10.83 -27.11
CA ARG B 412 5.48 -11.36 -28.40
C ARG B 412 4.27 -11.84 -29.20
N ALA B 413 3.26 -12.37 -28.50
CA ALA B 413 2.04 -12.84 -29.15
C ALA B 413 1.34 -11.64 -29.78
N THR B 414 1.27 -10.56 -29.02
CA THR B 414 0.67 -9.33 -29.45
C THR B 414 1.41 -8.75 -30.64
N ALA B 415 2.74 -8.82 -30.59
CA ALA B 415 3.57 -8.29 -31.66
C ALA B 415 3.38 -9.11 -32.95
N ALA B 416 3.24 -10.42 -32.80
CA ALA B 416 3.06 -11.32 -33.92
C ALA B 416 1.76 -11.08 -34.66
N GLU B 417 0.81 -10.43 -34.00
CA GLU B 417 -0.49 -10.14 -34.59
C GLU B 417 -0.51 -8.72 -35.13
N VAL B 418 -0.03 -7.79 -34.33
CA VAL B 418 0.01 -6.39 -34.74
C VAL B 418 0.96 -6.15 -35.92
N PHE B 419 2.05 -6.92 -35.96
CA PHE B 419 3.01 -6.77 -37.04
C PHE B 419 2.91 -7.92 -38.04
N GLY B 420 2.06 -8.89 -37.73
CA GLY B 420 1.87 -10.01 -38.62
C GLY B 420 3.10 -10.81 -39.00
N LEU B 421 3.68 -11.53 -38.05
CA LEU B 421 4.83 -12.37 -38.32
C LEU B 421 4.84 -13.54 -37.35
N PRO B 422 5.60 -14.59 -37.64
CA PRO B 422 5.67 -15.75 -36.75
C PRO B 422 6.18 -15.36 -35.38
N LEU B 423 5.69 -16.07 -34.36
CA LEU B 423 6.09 -15.80 -33.00
C LEU B 423 7.57 -16.02 -32.79
N GLU B 424 8.19 -16.97 -33.50
CA GLU B 424 9.60 -17.22 -33.29
C GLU B 424 10.47 -16.08 -33.79
N THR B 425 10.04 -15.45 -34.88
CA THR B 425 10.83 -14.36 -35.43
C THR B 425 10.65 -13.00 -34.81
N VAL B 426 9.61 -12.79 -34.01
CA VAL B 426 9.43 -11.44 -33.46
C VAL B 426 10.71 -10.96 -32.78
N THR B 427 11.16 -9.78 -33.24
CA THR B 427 12.37 -9.13 -32.77
C THR B 427 12.21 -8.44 -31.42
N SER B 428 13.31 -7.98 -30.83
CA SER B 428 13.25 -7.31 -29.53
C SER B 428 12.57 -5.96 -29.63
N GLU B 429 12.73 -5.30 -30.76
CA GLU B 429 12.13 -4.00 -30.97
C GLU B 429 10.62 -4.11 -31.15
N GLN B 430 10.17 -5.19 -31.78
CA GLN B 430 8.74 -5.40 -31.99
C GLN B 430 8.09 -5.78 -30.66
N ARG B 431 8.80 -6.55 -29.84
CA ARG B 431 8.29 -6.95 -28.54
C ARG B 431 8.16 -5.72 -27.65
N ARG B 432 9.13 -4.82 -27.76
CA ARG B 432 9.16 -3.58 -27.00
C ARG B 432 8.02 -2.65 -27.44
N SER B 433 7.64 -2.74 -28.71
CA SER B 433 6.57 -1.90 -29.23
C SER B 433 5.21 -2.42 -28.79
N ALA B 434 5.06 -3.74 -28.79
CA ALA B 434 3.81 -4.36 -28.39
C ALA B 434 3.57 -4.16 -26.90
N LYS B 435 4.66 -4.22 -26.15
CA LYS B 435 4.63 -4.05 -24.69
C LYS B 435 4.21 -2.65 -24.31
N ALA B 436 4.69 -1.65 -25.03
CA ALA B 436 4.35 -0.26 -24.76
C ALA B 436 2.88 -0.05 -25.06
N ILE B 437 2.38 -0.72 -26.09
CA ILE B 437 0.98 -0.66 -26.48
C ILE B 437 0.14 -1.30 -25.37
N ASN B 438 0.46 -2.54 -25.03
CA ASN B 438 -0.25 -3.27 -23.99
C ASN B 438 -0.35 -2.49 -22.69
N PHE B 439 0.78 -2.20 -22.06
CA PHE B 439 0.72 -1.46 -20.81
C PHE B 439 0.19 -0.04 -20.99
N GLY B 440 0.15 0.42 -22.24
CA GLY B 440 -0.36 1.76 -22.49
C GLY B 440 -1.87 1.74 -22.41
N LEU B 441 -2.46 0.63 -22.83
CA LEU B 441 -3.91 0.46 -22.81
C LEU B 441 -4.44 0.44 -21.38
N ILE B 442 -3.68 -0.18 -20.48
CA ILE B 442 -4.07 -0.28 -19.07
C ILE B 442 -4.24 1.09 -18.44
N TYR B 443 -3.29 1.96 -18.74
CA TYR B 443 -3.34 3.32 -18.22
C TYR B 443 -4.08 4.24 -19.17
N GLY B 444 -4.85 3.63 -20.08
CA GLY B 444 -5.64 4.37 -21.05
C GLY B 444 -4.94 5.46 -21.83
N MET B 445 -3.64 5.32 -22.06
CA MET B 445 -2.89 6.34 -22.79
C MET B 445 -3.26 6.56 -24.24
N SER B 446 -3.03 7.80 -24.68
CA SER B 446 -3.33 8.28 -26.03
C SER B 446 -2.28 7.85 -27.05
N ALA B 447 -2.71 7.66 -28.29
CA ALA B 447 -1.80 7.27 -29.38
C ALA B 447 -0.58 8.16 -29.39
N PHE B 448 -0.76 9.41 -28.99
CA PHE B 448 0.33 10.38 -28.95
C PHE B 448 1.20 10.00 -27.75
N GLY B 449 0.57 9.61 -26.65
CA GLY B 449 1.30 9.22 -25.45
C GLY B 449 2.20 8.04 -25.76
N LEU B 450 1.62 7.05 -26.44
CA LEU B 450 2.33 5.84 -26.86
C LEU B 450 3.57 6.26 -27.66
N ALA B 451 3.37 7.19 -28.59
CA ALA B 451 4.46 7.66 -29.41
C ALA B 451 5.56 8.23 -28.53
N ARG B 452 5.17 9.01 -27.51
CA ARG B 452 6.16 9.62 -26.63
C ARG B 452 6.93 8.61 -25.77
N GLN B 453 6.45 7.37 -25.72
CA GLN B 453 7.13 6.34 -24.94
C GLN B 453 7.87 5.40 -25.87
N LEU B 454 7.50 5.43 -27.15
CA LEU B 454 8.09 4.53 -28.14
C LEU B 454 9.09 5.25 -29.04
N ASN B 455 9.18 6.57 -28.90
CA ASN B 455 10.07 7.39 -29.71
C ASN B 455 9.84 7.29 -31.21
N ILE B 456 8.57 7.31 -31.60
CA ILE B 456 8.16 7.24 -33.00
C ILE B 456 7.24 8.43 -33.24
N PRO B 457 7.03 8.79 -34.51
CA PRO B 457 6.17 9.91 -34.86
C PRO B 457 4.69 9.61 -34.63
N ARG B 458 3.93 10.68 -34.43
CA ARG B 458 2.49 10.59 -34.19
C ARG B 458 1.86 9.88 -35.41
N LYS B 459 0.65 9.37 -35.26
CA LYS B 459 -0.03 8.68 -36.36
C LYS B 459 0.68 7.43 -36.87
N GLU B 460 1.90 7.21 -36.43
CA GLU B 460 2.66 6.00 -36.78
C GLU B 460 2.26 5.14 -35.58
N ALA B 461 2.17 5.81 -34.43
CA ALA B 461 1.77 5.18 -33.18
C ALA B 461 0.29 4.89 -33.35
N GLN B 462 -0.41 5.82 -34.00
CA GLN B 462 -1.82 5.70 -34.27
C GLN B 462 -2.00 4.47 -35.15
N LYS B 463 -1.04 4.25 -36.05
CA LYS B 463 -1.05 3.12 -36.95
C LYS B 463 -0.99 1.81 -36.18
N TYR B 464 -0.13 1.77 -35.17
CA TYR B 464 0.03 0.58 -34.35
C TYR B 464 -1.24 0.33 -33.54
N MET B 465 -1.87 1.41 -33.06
CA MET B 465 -3.08 1.26 -32.26
C MET B 465 -4.29 0.81 -33.08
N ASP B 466 -4.37 1.23 -34.34
CA ASP B 466 -5.49 0.84 -35.18
C ASP B 466 -5.35 -0.63 -35.56
N LEU B 467 -4.11 -1.04 -35.82
CA LEU B 467 -3.81 -2.42 -36.16
C LEU B 467 -4.15 -3.32 -34.99
N TYR B 468 -3.88 -2.82 -33.78
CA TYR B 468 -4.16 -3.58 -32.56
C TYR B 468 -5.67 -3.82 -32.41
N PHE B 469 -6.46 -2.76 -32.46
CA PHE B 469 -7.91 -2.92 -32.32
C PHE B 469 -8.52 -3.79 -33.40
N GLU B 470 -7.96 -3.76 -34.60
CA GLU B 470 -8.47 -4.57 -35.70
C GLU B 470 -8.25 -6.03 -35.35
N ARG B 471 -7.09 -6.32 -34.79
CA ARG B 471 -6.73 -7.67 -34.43
C ARG B 471 -7.34 -8.07 -33.10
N TYR B 472 -7.51 -7.08 -32.22
CA TYR B 472 -8.10 -7.31 -30.89
C TYR B 472 -9.27 -6.33 -30.73
N PRO B 473 -10.42 -6.65 -31.31
CA PRO B 473 -11.66 -5.88 -31.30
C PRO B 473 -12.29 -5.82 -29.92
N GLY B 474 -12.17 -6.91 -29.15
CA GLY B 474 -12.73 -6.97 -27.82
C GLY B 474 -12.23 -5.90 -26.85
N VAL B 475 -11.01 -5.42 -27.05
CA VAL B 475 -10.45 -4.42 -26.17
C VAL B 475 -11.04 -3.04 -26.43
N LEU B 476 -11.38 -2.76 -27.68
CA LEU B 476 -11.94 -1.46 -27.99
C LEU B 476 -13.36 -1.43 -27.45
N GLU B 477 -14.06 -2.54 -27.63
CA GLU B 477 -15.43 -2.65 -27.15
C GLU B 477 -15.49 -2.55 -25.62
N TYR B 478 -14.50 -3.10 -24.92
CA TYR B 478 -14.47 -2.98 -23.47
C TYR B 478 -14.24 -1.53 -23.12
N MET B 479 -13.27 -0.92 -23.79
CA MET B 479 -12.95 0.46 -23.51
C MET B 479 -14.11 1.40 -23.75
N GLU B 480 -14.84 1.21 -24.84
CA GLU B 480 -15.97 2.10 -25.13
C GLU B 480 -17.09 1.85 -24.11
N ARG B 481 -17.41 0.58 -23.88
CA ARG B 481 -18.43 0.20 -22.91
C ARG B 481 -18.17 0.75 -21.50
N THR B 482 -16.91 0.74 -21.08
CA THR B 482 -16.54 1.23 -19.77
C THR B 482 -16.68 2.73 -19.64
N ARG B 483 -16.27 3.47 -20.66
CA ARG B 483 -16.39 4.92 -20.56
C ARG B 483 -17.87 5.26 -20.61
N ALA B 484 -18.66 4.36 -21.18
CA ALA B 484 -20.11 4.57 -21.29
C ALA B 484 -20.77 4.55 -19.92
N GLN B 485 -20.75 3.39 -19.25
CA GLN B 485 -21.36 3.24 -17.93
C GLN B 485 -20.74 4.21 -16.94
N ALA B 486 -19.51 4.63 -17.21
CA ALA B 486 -18.87 5.56 -16.32
C ALA B 486 -19.68 6.86 -16.31
N LYS B 487 -20.15 7.28 -17.48
CA LYS B 487 -20.96 8.48 -17.60
C LYS B 487 -22.41 8.26 -17.22
N GLU B 488 -22.89 7.04 -17.44
CA GLU B 488 -24.27 6.66 -17.10
C GLU B 488 -24.48 6.61 -15.57
N GLN B 489 -23.59 5.96 -14.85
CA GLN B 489 -23.72 5.83 -13.40
C GLN B 489 -22.76 6.65 -12.53
N GLY B 490 -21.76 7.27 -13.14
CA GLY B 490 -20.82 8.07 -12.37
C GLY B 490 -19.72 7.33 -11.64
N TYR B 491 -19.56 6.03 -11.91
CA TYR B 491 -18.54 5.23 -11.26
C TYR B 491 -18.27 3.93 -12.03
N VAL B 492 -17.13 3.30 -11.79
CA VAL B 492 -16.80 2.03 -12.43
C VAL B 492 -16.59 1.02 -11.29
N GLU B 493 -16.69 -0.26 -11.60
CA GLU B 493 -16.51 -1.29 -10.58
C GLU B 493 -15.43 -2.31 -10.91
N THR B 494 -15.01 -3.06 -9.90
CA THR B 494 -14.02 -4.12 -10.08
C THR B 494 -14.82 -5.40 -10.12
N LEU B 495 -14.19 -6.52 -10.41
CA LEU B 495 -14.91 -7.79 -10.45
C LEU B 495 -15.65 -8.11 -9.16
N ASP B 496 -15.09 -7.70 -8.01
CA ASP B 496 -15.71 -7.97 -6.72
C ASP B 496 -16.75 -6.96 -6.26
N GLY B 497 -16.92 -5.87 -7.00
CA GLY B 497 -17.92 -4.90 -6.61
C GLY B 497 -17.37 -3.60 -6.12
N ARG B 498 -16.05 -3.54 -5.96
CA ARG B 498 -15.40 -2.32 -5.50
C ARG B 498 -15.65 -1.16 -6.48
N ARG B 499 -15.95 0.03 -5.95
CA ARG B 499 -16.24 1.18 -6.79
C ARG B 499 -15.28 2.33 -6.73
N LEU B 500 -15.06 2.97 -7.87
CA LEU B 500 -14.23 4.14 -7.93
C LEU B 500 -15.18 5.15 -8.51
N TYR B 501 -15.53 6.17 -7.72
CA TYR B 501 -16.43 7.19 -8.19
C TYR B 501 -15.66 8.20 -9.02
N LEU B 502 -16.24 8.61 -10.14
CA LEU B 502 -15.60 9.54 -11.07
C LEU B 502 -16.41 10.81 -11.26
N PRO B 503 -16.25 11.78 -10.35
CA PRO B 503 -16.95 13.08 -10.35
C PRO B 503 -16.66 14.00 -11.55
N ASP B 504 -15.45 13.94 -12.11
CA ASP B 504 -15.14 14.79 -13.26
C ASP B 504 -15.41 14.08 -14.57
N ILE B 505 -16.21 13.02 -14.51
CA ILE B 505 -16.52 12.25 -15.70
C ILE B 505 -17.25 13.11 -16.74
N LYS B 506 -17.84 14.21 -16.29
CA LYS B 506 -18.55 15.15 -17.17
C LYS B 506 -18.02 16.56 -16.93
N SER B 507 -16.91 16.64 -16.23
CA SER B 507 -16.26 17.90 -15.87
C SER B 507 -16.37 19.12 -16.77
N SER B 508 -16.48 18.91 -18.07
CA SER B 508 -16.54 20.00 -19.05
C SER B 508 -15.11 20.49 -19.27
N ASN B 509 -14.33 20.51 -18.19
CA ASN B 509 -12.94 20.91 -18.25
C ASN B 509 -12.35 19.73 -19.04
N GLY B 510 -11.63 20.00 -20.11
CA GLY B 510 -11.06 18.91 -20.90
C GLY B 510 -10.10 18.01 -20.16
N ALA B 511 -9.01 18.58 -19.66
CA ALA B 511 -7.98 17.82 -18.96
C ALA B 511 -8.56 16.95 -17.85
N ARG B 512 -9.39 17.53 -16.99
CA ARG B 512 -9.97 16.77 -15.89
C ARG B 512 -10.87 15.65 -16.36
N ARG B 513 -11.65 15.88 -17.40
CA ARG B 513 -12.52 14.85 -17.88
C ARG B 513 -11.69 13.81 -18.64
N ALA B 514 -10.49 14.21 -19.05
CA ALA B 514 -9.61 13.30 -19.76
C ALA B 514 -9.10 12.33 -18.70
N ALA B 515 -8.61 12.90 -17.61
CA ALA B 515 -8.10 12.09 -16.51
C ALA B 515 -9.17 11.13 -16.04
N ALA B 516 -10.40 11.63 -15.89
CA ALA B 516 -11.52 10.84 -15.43
C ALA B 516 -11.89 9.71 -16.38
N GLU B 517 -11.48 9.84 -17.63
CA GLU B 517 -11.79 8.81 -18.61
C GLU B 517 -10.73 7.74 -18.64
N ARG B 518 -9.51 8.13 -18.27
CA ARG B 518 -8.41 7.18 -18.19
C ARG B 518 -8.66 6.35 -16.93
N ALA B 519 -9.03 7.04 -15.86
CA ALA B 519 -9.32 6.38 -14.59
C ALA B 519 -10.43 5.34 -14.78
N ALA B 520 -11.40 5.67 -15.62
CA ALA B 520 -12.52 4.77 -15.88
C ALA B 520 -12.06 3.45 -16.44
N ILE B 521 -11.12 3.51 -17.36
CA ILE B 521 -10.59 2.32 -18.04
C ILE B 521 -9.63 1.51 -17.15
N ASN B 522 -8.79 2.24 -16.42
CA ASN B 522 -7.78 1.68 -15.54
C ASN B 522 -8.22 1.03 -14.22
N ALA B 523 -8.92 1.80 -13.37
CA ALA B 523 -9.39 1.32 -12.07
C ALA B 523 -9.92 -0.13 -12.04
N PRO B 524 -10.82 -0.49 -12.98
CA PRO B 524 -11.32 -1.86 -12.93
C PRO B 524 -10.25 -2.94 -12.98
N MET B 525 -9.16 -2.68 -13.69
CA MET B 525 -8.08 -3.67 -13.80
C MET B 525 -7.15 -3.65 -12.60
N GLN B 526 -6.80 -2.45 -12.16
CA GLN B 526 -5.92 -2.28 -11.01
C GLN B 526 -6.65 -2.63 -9.71
N GLY B 527 -7.90 -2.19 -9.59
CA GLY B 527 -8.67 -2.50 -8.41
C GLY B 527 -8.87 -4.00 -8.29
N THR B 528 -9.10 -4.66 -9.43
CA THR B 528 -9.30 -6.10 -9.44
C THR B 528 -8.04 -6.86 -9.05
N ALA B 529 -6.89 -6.33 -9.44
CA ALA B 529 -5.61 -6.95 -9.10
C ALA B 529 -5.50 -6.82 -7.58
N ALA B 530 -5.79 -5.61 -7.08
CA ALA B 530 -5.75 -5.34 -5.66
C ALA B 530 -6.63 -6.34 -4.90
N ASP B 531 -7.88 -6.48 -5.30
CA ASP B 531 -8.79 -7.41 -4.63
C ASP B 531 -8.26 -8.83 -4.61
N ILE B 532 -7.64 -9.25 -5.70
CA ILE B 532 -7.09 -10.61 -5.81
C ILE B 532 -5.92 -10.80 -4.86
N ILE B 533 -5.07 -9.78 -4.80
CA ILE B 533 -3.91 -9.81 -3.92
C ILE B 533 -4.32 -9.92 -2.45
N LYS B 534 -5.33 -9.14 -2.06
CA LYS B 534 -5.80 -9.16 -0.69
C LYS B 534 -6.44 -10.49 -0.35
N ARG B 535 -7.22 -11.05 -1.27
CA ARG B 535 -7.86 -12.33 -1.04
C ARG B 535 -6.79 -13.42 -0.88
N ALA B 536 -5.70 -13.27 -1.62
CA ALA B 536 -4.61 -14.24 -1.55
C ALA B 536 -3.93 -14.15 -0.18
N MET B 537 -3.72 -12.92 0.30
CA MET B 537 -3.10 -12.69 1.61
C MET B 537 -3.98 -13.31 2.71
N ILE B 538 -5.28 -13.05 2.61
CA ILE B 538 -6.21 -13.59 3.58
C ILE B 538 -6.14 -15.11 3.55
N ALA B 539 -6.14 -15.67 2.35
CA ALA B 539 -6.12 -17.10 2.17
C ALA B 539 -4.84 -17.73 2.68
N VAL B 540 -3.70 -17.15 2.31
CA VAL B 540 -2.43 -17.70 2.76
C VAL B 540 -2.26 -17.56 4.27
N ASP B 541 -2.73 -16.45 4.81
CA ASP B 541 -2.63 -16.20 6.26
C ASP B 541 -3.47 -17.19 7.07
N ALA B 542 -4.63 -17.56 6.52
CA ALA B 542 -5.54 -18.48 7.15
C ALA B 542 -4.89 -19.85 7.26
N TRP B 543 -4.17 -20.26 6.23
CA TRP B 543 -3.46 -21.55 6.22
C TRP B 543 -2.34 -21.48 7.26
N LEU B 544 -1.60 -20.38 7.23
CA LEU B 544 -0.50 -20.13 8.17
C LEU B 544 -1.03 -20.24 9.60
N GLN B 545 -2.17 -19.60 9.84
CA GLN B 545 -2.75 -19.60 11.17
C GLN B 545 -3.26 -20.95 11.60
N ALA B 546 -3.86 -21.67 10.68
CA ALA B 546 -4.40 -23.00 10.95
C ALA B 546 -3.35 -24.08 11.07
N GLU B 547 -2.49 -24.20 10.07
CA GLU B 547 -1.44 -25.22 10.06
C GLU B 547 -0.14 -24.94 10.81
N GLN B 548 0.16 -23.68 11.07
CA GLN B 548 1.37 -23.29 11.78
C GLN B 548 2.71 -23.82 11.21
N PRO B 549 2.91 -23.71 9.89
CA PRO B 549 4.17 -24.18 9.30
C PRO B 549 5.34 -23.28 9.72
N ARG B 550 6.55 -23.59 9.24
CA ARG B 550 7.72 -22.76 9.55
C ARG B 550 7.91 -21.70 8.48
N VAL B 551 6.95 -20.78 8.44
CA VAL B 551 7.00 -19.69 7.48
C VAL B 551 6.32 -18.44 8.03
N ARG B 552 6.83 -17.29 7.61
CA ARG B 552 6.33 -15.98 8.00
C ARG B 552 6.10 -15.20 6.71
N MET B 553 4.99 -14.47 6.61
CA MET B 553 4.73 -13.65 5.44
C MET B 553 5.28 -12.29 5.88
N ILE B 554 6.39 -11.87 5.28
CA ILE B 554 7.03 -10.63 5.67
C ILE B 554 6.81 -9.37 4.84
N MET B 555 6.47 -9.51 3.57
CA MET B 555 6.23 -8.33 2.71
C MET B 555 5.13 -8.47 1.66
N GLN B 556 4.70 -7.32 1.17
CA GLN B 556 3.71 -7.25 0.11
C GLN B 556 4.16 -6.01 -0.65
N VAL B 557 4.58 -6.21 -1.89
CA VAL B 557 5.05 -5.12 -2.72
C VAL B 557 4.55 -5.43 -4.11
N HIS B 558 3.94 -4.44 -4.77
CA HIS B 558 3.41 -4.63 -6.11
C HIS B 558 2.50 -5.87 -6.19
N ASP B 559 2.81 -6.81 -7.07
CA ASP B 559 1.97 -8.02 -7.15
C ASP B 559 2.65 -9.24 -6.56
N GLU B 560 3.52 -9.06 -5.57
CA GLU B 560 4.19 -10.20 -4.98
C GLU B 560 4.10 -10.21 -3.46
N LEU B 561 4.09 -11.44 -2.92
CA LEU B 561 4.09 -11.66 -1.48
C LEU B 561 5.45 -12.27 -1.24
N VAL B 562 6.12 -11.82 -0.17
CA VAL B 562 7.43 -12.35 0.17
C VAL B 562 7.36 -13.03 1.52
N PHE B 563 7.99 -14.20 1.63
CA PHE B 563 7.98 -14.99 2.86
C PHE B 563 9.39 -15.35 3.30
N GLU B 564 9.47 -15.92 4.51
CA GLU B 564 10.68 -16.48 5.09
C GLU B 564 10.20 -17.92 5.28
N VAL B 565 10.92 -18.87 4.70
CA VAL B 565 10.52 -20.27 4.78
C VAL B 565 11.71 -21.08 5.23
N HIS B 566 11.47 -22.08 6.07
CA HIS B 566 12.56 -22.91 6.55
C HIS B 566 13.15 -23.69 5.37
N LYS B 567 14.48 -23.70 5.26
CA LYS B 567 15.16 -24.37 4.15
C LYS B 567 14.76 -25.82 3.89
N ASP B 568 14.37 -26.55 4.92
CA ASP B 568 13.97 -27.93 4.75
C ASP B 568 12.49 -28.07 4.41
N ASP B 569 11.77 -26.97 4.27
CA ASP B 569 10.35 -27.05 3.96
C ASP B 569 9.97 -26.37 2.66
N VAL B 570 10.95 -25.74 2.02
CA VAL B 570 10.70 -25.01 0.80
C VAL B 570 9.84 -25.65 -0.27
N ASP B 571 10.06 -26.94 -0.54
CA ASP B 571 9.28 -27.58 -1.58
C ASP B 571 7.82 -27.73 -1.28
N ALA B 572 7.49 -28.33 -0.15
CA ALA B 572 6.08 -28.48 0.17
C ALA B 572 5.41 -27.11 0.32
N VAL B 573 6.09 -26.20 1.02
CA VAL B 573 5.56 -24.85 1.23
C VAL B 573 5.33 -24.11 -0.07
N ALA B 574 6.25 -24.26 -1.01
CA ALA B 574 6.12 -23.59 -2.29
C ALA B 574 4.93 -24.14 -3.04
N LYS B 575 4.72 -25.44 -2.96
CA LYS B 575 3.57 -26.04 -3.63
C LYS B 575 2.31 -25.44 -3.06
N GLN B 576 2.25 -25.37 -1.73
CA GLN B 576 1.10 -24.85 -1.03
C GLN B 576 0.80 -23.38 -1.29
N ILE B 577 1.80 -22.51 -1.20
CA ILE B 577 1.60 -21.08 -1.42
C ILE B 577 1.01 -20.91 -2.80
N HIS B 578 1.61 -21.66 -3.72
CA HIS B 578 1.25 -21.65 -5.14
C HIS B 578 -0.21 -22.02 -5.38
N GLN B 579 -0.68 -23.12 -4.80
CA GLN B 579 -2.06 -23.51 -4.99
C GLN B 579 -3.05 -22.54 -4.36
N LEU B 580 -2.72 -22.02 -3.19
CA LEU B 580 -3.60 -21.08 -2.49
C LEU B 580 -3.78 -19.81 -3.32
N MET B 581 -2.68 -19.23 -3.78
CA MET B 581 -2.73 -17.98 -4.55
C MET B 581 -3.43 -18.02 -5.90
N GLU B 582 -3.29 -19.11 -6.65
CA GLU B 582 -3.95 -19.19 -7.95
C GLU B 582 -5.21 -20.05 -7.98
N ASN B 583 -5.53 -20.69 -6.86
CA ASN B 583 -6.73 -21.52 -6.81
C ASN B 583 -7.67 -21.21 -5.65
N CYS B 584 -7.33 -20.23 -4.82
CA CYS B 584 -8.22 -19.88 -3.71
C CYS B 584 -8.63 -18.44 -3.70
N THR B 585 -8.53 -17.79 -4.85
CA THR B 585 -8.92 -16.41 -4.99
C THR B 585 -10.03 -16.44 -6.05
N ARG B 586 -9.83 -15.79 -7.18
CA ARG B 586 -10.85 -15.84 -8.22
C ARG B 586 -10.55 -16.95 -9.22
N LEU B 587 -11.57 -17.72 -9.57
CA LEU B 587 -11.40 -18.81 -10.51
C LEU B 587 -11.73 -18.41 -11.95
N ASP B 588 -12.06 -17.14 -12.16
CA ASP B 588 -12.40 -16.70 -13.51
C ASP B 588 -11.24 -16.13 -14.30
N VAL B 589 -10.43 -15.28 -13.68
CA VAL B 589 -9.26 -14.73 -14.36
C VAL B 589 -8.17 -15.82 -14.47
N PRO B 590 -7.51 -15.96 -15.63
CA PRO B 590 -6.46 -16.98 -15.74
C PRO B 590 -5.19 -16.49 -15.03
N LEU B 591 -4.92 -17.04 -13.86
CA LEU B 591 -3.78 -16.62 -13.05
C LEU B 591 -2.59 -17.57 -13.06
N LEU B 592 -1.40 -16.99 -12.97
CA LEU B 592 -0.16 -17.74 -12.95
C LEU B 592 0.75 -17.16 -11.86
N VAL B 593 1.20 -17.99 -10.94
CA VAL B 593 2.08 -17.52 -9.87
C VAL B 593 3.47 -18.08 -10.10
N GLU B 594 4.45 -17.19 -10.15
CA GLU B 594 5.85 -17.56 -10.35
C GLU B 594 6.47 -17.62 -8.95
N VAL B 595 6.90 -18.78 -8.49
CA VAL B 595 7.51 -18.87 -7.17
C VAL B 595 9.03 -19.05 -7.28
N GLY B 596 9.76 -18.23 -6.53
CA GLY B 596 11.21 -18.29 -6.55
C GLY B 596 11.80 -18.16 -5.15
N SER B 597 13.02 -18.68 -4.95
CA SER B 597 13.67 -18.62 -3.64
C SER B 597 15.18 -18.34 -3.70
N GLY B 598 15.72 -17.87 -2.58
CA GLY B 598 17.15 -17.57 -2.52
C GLY B 598 17.56 -17.15 -1.12
N GLU B 599 18.78 -16.66 -0.98
CA GLU B 599 19.28 -16.23 0.32
C GLU B 599 18.82 -14.83 0.64
N ASN B 600 18.45 -14.09 -0.40
CA ASN B 600 17.96 -12.73 -0.17
C ASN B 600 16.82 -12.45 -1.13
N TRP B 601 16.17 -11.31 -0.96
CA TRP B 601 15.03 -10.96 -1.79
C TRP B 601 15.41 -10.82 -3.26
N ASP B 602 16.63 -10.38 -3.53
CA ASP B 602 17.10 -10.25 -4.91
C ASP B 602 17.20 -11.62 -5.59
N GLN B 603 17.70 -12.61 -4.86
CA GLN B 603 17.83 -13.96 -5.42
C GLN B 603 16.48 -14.64 -5.65
N ALA B 604 15.53 -14.42 -4.75
CA ALA B 604 14.22 -15.06 -4.90
C ALA B 604 13.37 -14.34 -5.95
N HIS B 605 13.59 -13.04 -6.06
CA HIS B 605 12.88 -12.15 -6.97
C HIS B 605 13.12 -12.50 -8.45
#